data_2MQV
#
_entry.id   2MQV
#
loop_
_entity.id
_entity.type
_entity.pdbx_description
1 polymer 'Nucleocapsid protein p10'
2 polymer 'RNA (68-MER)'
3 non-polymer 'ZINC ION'
#
loop_
_entity_poly.entity_id
_entity_poly.type
_entity_poly.pdbx_seq_one_letter_code
_entity_poly.pdbx_strand_id
1 'polypeptide(L)' ATVVSGQKQDRQGGERRRSQLDRDQCAYCKEKGHWAKDCPKKPRGPRGPRPQTSLL A
2 'polyribonucleotide' GGGCGAGGGUCUCCUCUGAGUGAUUGACUACCCGUCAGCGGGGGUCUUUCAUUUGGGGGCUCGUGCCC B
#
loop_
_chem_comp.id
_chem_comp.type
_chem_comp.name
_chem_comp.formula
A RNA linking ADENOSINE-5'-MONOPHOSPHATE 'C10 H14 N5 O7 P'
C RNA linking CYTIDINE-5'-MONOPHOSPHATE 'C9 H14 N3 O8 P'
G RNA linking GUANOSINE-5'-MONOPHOSPHATE 'C10 H14 N5 O8 P'
U RNA linking URIDINE-5'-MONOPHOSPHATE 'C9 H13 N2 O9 P'
ZN non-polymer 'ZINC ION' 'Zn 2'
#
# COMPACT_ATOMS: atom_id res chain seq x y z
N ALA A 1 25.14 26.04 -1.76
CA ALA A 1 24.68 24.88 -0.95
C ALA A 1 23.22 24.54 -1.25
N THR A 2 22.86 23.25 -1.15
CA THR A 2 21.49 22.74 -1.46
C THR A 2 20.95 21.75 -0.40
N VAL A 3 21.71 21.48 0.67
CA VAL A 3 21.38 20.60 1.83
C VAL A 3 21.22 19.10 1.49
N VAL A 4 20.85 18.74 0.25
CA VAL A 4 20.62 17.36 -0.25
C VAL A 4 19.45 16.67 0.49
N SER A 5 18.48 17.48 0.93
CA SER A 5 17.24 17.08 1.64
C SER A 5 16.10 18.04 1.29
N GLY A 6 14.84 17.60 1.47
CA GLY A 6 13.64 18.39 1.17
C GLY A 6 12.54 18.38 2.24
N GLN A 7 12.81 17.80 3.44
CA GLN A 7 11.89 17.72 4.58
C GLN A 7 10.47 17.19 4.26
N LYS A 8 10.36 16.29 3.26
CA LYS A 8 9.09 15.70 2.80
C LYS A 8 8.32 15.02 3.94
N GLN A 9 6.99 15.16 3.93
CA GLN A 9 6.05 14.61 4.93
C GLN A 9 5.12 13.53 4.36
N ASP A 10 4.96 13.51 3.02
CA ASP A 10 4.13 12.56 2.27
C ASP A 10 2.67 12.50 2.80
N ARG A 11 2.11 11.31 3.07
CA ARG A 11 0.73 11.09 3.56
C ARG A 11 -0.38 11.58 2.60
N GLN A 12 -0.03 11.80 1.34
CA GLN A 12 -0.90 12.21 0.23
C GLN A 12 -0.37 11.67 -1.11
N GLY A 13 -1.23 11.55 -2.12
CA GLY A 13 -0.83 11.08 -3.47
C GLY A 13 -1.97 10.56 -4.36
N GLY A 14 -3.03 9.99 -3.78
CA GLY A 14 -4.19 9.46 -4.52
C GLY A 14 -5.07 8.47 -3.74
N GLU A 15 -4.52 7.81 -2.71
CA GLU A 15 -5.19 6.84 -1.84
C GLU A 15 -4.85 7.09 -0.37
N ARG A 16 -5.65 6.53 0.57
CA ARG A 16 -5.51 6.73 2.03
C ARG A 16 -5.51 5.40 2.81
N ARG A 17 -4.95 4.35 2.20
CA ARG A 17 -4.77 2.99 2.76
C ARG A 17 -3.61 2.95 3.77
N ARG A 18 -3.20 1.75 4.21
CA ARG A 18 -2.09 1.52 5.18
C ARG A 18 -0.69 1.96 4.68
N SER A 19 -0.57 2.45 3.44
CA SER A 19 0.65 2.89 2.74
C SER A 19 1.59 3.86 3.50
N GLN A 20 1.11 4.52 4.57
CA GLN A 20 1.90 5.42 5.43
C GLN A 20 1.75 5.08 6.93
N LEU A 21 1.58 3.78 7.23
CA LEU A 21 1.44 3.23 8.58
C LEU A 21 2.39 2.06 8.87
N ASP A 22 2.56 1.81 10.17
CA ASP A 22 3.34 0.74 10.79
C ASP A 22 2.71 0.46 12.17
N ARG A 23 3.02 -0.67 12.83
CA ARG A 23 2.47 -1.08 14.14
C ARG A 23 2.86 -0.18 15.33
N ASP A 24 3.62 0.88 15.06
CA ASP A 24 4.03 1.90 16.03
C ASP A 24 3.42 3.29 15.71
N GLN A 25 2.50 3.38 14.74
CA GLN A 25 1.85 4.64 14.31
C GLN A 25 0.35 4.72 14.65
N CYS A 26 -0.24 5.91 14.50
CA CYS A 26 -1.66 6.19 14.74
C CYS A 26 -2.48 6.19 13.43
N ALA A 27 -3.52 5.35 13.33
CA ALA A 27 -4.38 5.34 12.16
C ALA A 27 -5.14 6.67 11.92
N TYR A 28 -5.36 7.48 12.96
CA TYR A 28 -6.09 8.75 12.85
C TYR A 28 -5.24 9.95 12.37
N CYS A 29 -4.08 10.21 12.98
CA CYS A 29 -3.24 11.37 12.63
C CYS A 29 -1.89 11.02 11.95
N LYS A 30 -1.56 9.72 11.82
CA LYS A 30 -0.34 9.19 11.19
C LYS A 30 0.96 9.49 11.96
N GLU A 31 0.89 9.96 13.21
CA GLU A 31 2.06 10.14 14.11
C GLU A 31 2.70 8.78 14.43
N LYS A 32 3.94 8.76 14.94
CA LYS A 32 4.66 7.57 15.41
C LYS A 32 4.96 7.68 16.91
N GLY A 33 4.52 6.67 17.67
CA GLY A 33 4.69 6.55 19.13
C GLY A 33 3.42 6.13 19.90
N HIS A 34 2.24 6.16 19.26
CA HIS A 34 0.94 5.80 19.84
C HIS A 34 -0.03 5.28 18.74
N TRP A 35 -1.20 4.77 19.15
CA TRP A 35 -2.29 4.28 18.27
C TRP A 35 -3.52 5.19 18.34
N ALA A 36 -4.43 5.11 17.37
CA ALA A 36 -5.65 5.94 17.32
C ALA A 36 -6.48 5.94 18.62
N LYS A 37 -6.55 4.79 19.29
CA LYS A 37 -7.24 4.57 20.58
C LYS A 37 -6.78 5.53 21.70
N ASP A 38 -5.58 6.09 21.56
CA ASP A 38 -4.94 7.03 22.49
C ASP A 38 -4.45 8.32 21.82
N CYS A 39 -4.97 8.66 20.63
CA CYS A 39 -4.57 9.86 19.88
C CYS A 39 -4.71 11.17 20.69
N PRO A 40 -3.66 12.02 20.80
CA PRO A 40 -3.71 13.27 21.56
C PRO A 40 -4.55 14.36 20.85
N LYS A 41 -4.99 14.10 19.61
CA LYS A 41 -5.81 14.99 18.79
C LYS A 41 -7.25 14.49 18.63
N LYS A 42 -7.67 13.42 19.34
CA LYS A 42 -9.03 12.86 19.24
C LYS A 42 -9.76 12.83 20.60
N PRO A 43 -11.06 13.22 20.67
CA PRO A 43 -11.87 13.21 21.90
C PRO A 43 -11.89 11.88 22.66
N ARG A 44 -12.30 11.93 23.93
CA ARG A 44 -12.41 10.79 24.87
C ARG A 44 -13.76 10.78 25.60
N GLY A 45 -14.12 9.66 26.22
CA GLY A 45 -15.39 9.49 26.94
C GLY A 45 -15.33 8.46 28.10
N PRO A 46 -16.45 8.31 28.84
CA PRO A 46 -17.82 8.51 28.34
C PRO A 46 -18.34 9.97 28.42
N ARG A 47 -17.77 10.79 29.32
CA ARG A 47 -18.15 12.21 29.53
C ARG A 47 -16.94 13.14 29.71
N GLY A 48 -15.83 12.76 29.08
CA GLY A 48 -14.52 13.43 29.11
C GLY A 48 -13.36 12.44 29.25
N PRO A 49 -12.12 12.90 29.52
CA PRO A 49 -10.96 12.04 29.72
C PRO A 49 -11.07 11.23 31.02
N ARG A 50 -10.20 10.21 31.17
CA ARG A 50 -10.16 9.29 32.34
C ARG A 50 -8.75 9.21 32.95
N PRO A 51 -8.37 10.19 33.80
CA PRO A 51 -7.05 10.23 34.45
C PRO A 51 -6.93 9.19 35.60
N GLN A 52 -5.72 9.04 36.14
CA GLN A 52 -5.40 8.09 37.22
C GLN A 52 -4.60 8.71 38.40
N THR A 53 -4.50 10.04 38.45
CA THR A 53 -3.79 10.83 39.48
C THR A 53 -4.55 12.11 39.84
N SER A 54 -4.22 12.71 40.99
CA SER A 54 -4.84 13.93 41.51
C SER A 54 -3.90 14.69 42.48
N LEU A 55 -4.26 15.93 42.82
CA LEU A 55 -3.52 16.82 43.74
C LEU A 55 -4.49 17.62 44.63
N LEU A 56 -3.98 18.13 45.76
CA LEU A 56 -4.73 18.92 46.74
C LEU A 56 -3.91 20.13 47.21
ZN ZN C . -3.03 10.33 16.88
N ALA A 1 -18.53 29.57 17.03
CA ALA A 1 -18.74 29.13 15.64
C ALA A 1 -19.29 27.69 15.60
N THR A 2 -20.09 27.37 14.57
CA THR A 2 -20.72 26.04 14.37
C THR A 2 -20.71 25.66 12.89
N VAL A 3 -20.48 24.38 12.59
CA VAL A 3 -20.44 23.80 11.23
C VAL A 3 -21.09 22.42 11.20
N VAL A 4 -21.46 21.94 10.00
CA VAL A 4 -22.08 20.63 9.74
C VAL A 4 -21.53 19.98 8.46
N SER A 5 -21.73 18.66 8.33
CA SER A 5 -21.29 17.86 7.17
C SER A 5 -22.18 16.62 7.00
N GLY A 6 -22.34 16.17 5.75
CA GLY A 6 -23.14 15.01 5.37
C GLY A 6 -23.38 14.90 3.86
N GLN A 7 -24.01 13.80 3.43
CA GLN A 7 -24.30 13.50 2.01
C GLN A 7 -25.75 13.03 1.75
N LYS A 8 -26.59 12.92 2.79
CA LYS A 8 -28.02 12.48 2.77
C LYS A 8 -28.27 11.08 2.16
N GLN A 9 -27.23 10.30 1.88
CA GLN A 9 -27.24 8.96 1.26
C GLN A 9 -27.82 8.93 -0.16
N ASP A 10 -27.74 7.78 -0.84
CA ASP A 10 -28.23 7.56 -2.20
C ASP A 10 -29.24 6.40 -2.25
N ARG A 11 -30.28 6.55 -3.09
CA ARG A 11 -31.43 5.63 -3.22
C ARG A 11 -31.75 5.24 -4.69
N GLN A 12 -30.84 5.54 -5.62
CA GLN A 12 -30.99 5.30 -7.07
C GLN A 12 -29.70 4.77 -7.75
N GLY A 13 -28.57 4.72 -7.03
CA GLY A 13 -27.27 4.24 -7.53
C GLY A 13 -26.15 4.36 -6.48
N GLY A 14 -24.91 4.04 -6.88
CA GLY A 14 -23.73 4.12 -6.01
C GLY A 14 -22.42 3.68 -6.68
N GLU A 15 -21.32 3.79 -5.92
CA GLU A 15 -19.93 3.48 -6.31
C GLU A 15 -19.33 4.27 -7.49
N ARG A 16 -18.02 4.10 -7.68
CA ARG A 16 -17.20 4.71 -8.74
C ARG A 16 -16.06 3.80 -9.26
N ARG A 17 -15.76 2.71 -8.54
CA ARG A 17 -14.71 1.71 -8.87
C ARG A 17 -15.06 0.31 -8.31
N ARG A 18 -14.13 -0.66 -8.43
CA ARG A 18 -14.24 -2.07 -7.97
C ARG A 18 -15.35 -2.93 -8.64
N SER A 19 -16.15 -2.34 -9.54
CA SER A 19 -17.26 -2.98 -10.25
C SER A 19 -16.86 -4.32 -10.87
N GLN A 20 -17.42 -5.41 -10.33
CA GLN A 20 -17.18 -6.79 -10.73
C GLN A 20 -15.68 -7.18 -10.82
N LEU A 21 -14.85 -6.70 -9.88
CA LEU A 21 -13.41 -7.00 -9.81
C LEU A 21 -13.15 -8.52 -9.58
N ASP A 22 -12.99 -9.27 -10.67
CA ASP A 22 -12.74 -10.72 -10.71
C ASP A 22 -11.41 -11.09 -10.02
N ARG A 23 -11.33 -12.25 -9.35
CA ARG A 23 -10.15 -12.77 -8.61
C ARG A 23 -8.93 -13.08 -9.49
N ASP A 24 -9.01 -12.85 -10.80
CA ASP A 24 -7.91 -13.01 -11.76
C ASP A 24 -7.49 -11.67 -12.43
N GLN A 25 -8.10 -10.55 -12.02
CA GLN A 25 -7.82 -9.19 -12.50
C GLN A 25 -6.81 -8.45 -11.58
N CYS A 26 -6.22 -7.35 -12.03
CA CYS A 26 -5.33 -6.51 -11.22
C CYS A 26 -6.11 -5.33 -10.60
N ALA A 27 -6.12 -5.22 -9.27
CA ALA A 27 -6.79 -4.11 -8.59
C ALA A 27 -6.18 -2.73 -8.91
N TYR A 28 -4.92 -2.65 -9.33
CA TYR A 28 -4.24 -1.38 -9.61
C TYR A 28 -4.38 -0.88 -11.07
N CYS A 29 -4.32 -1.77 -12.07
CA CYS A 29 -4.36 -1.38 -13.49
C CYS A 29 -5.50 -2.02 -14.33
N LYS A 30 -6.27 -2.95 -13.74
CA LYS A 30 -7.39 -3.67 -14.36
C LYS A 30 -7.01 -4.66 -15.47
N GLU A 31 -5.73 -4.95 -15.69
CA GLU A 31 -5.27 -6.03 -16.58
C GLU A 31 -5.64 -7.41 -15.99
N LYS A 32 -5.36 -8.51 -16.70
CA LYS A 32 -5.70 -9.88 -16.27
C LYS A 32 -4.47 -10.80 -16.24
N GLY A 33 -4.48 -11.78 -15.34
CA GLY A 33 -3.43 -12.79 -15.16
C GLY A 33 -2.48 -12.51 -13.97
N HIS A 34 -2.66 -11.40 -13.27
CA HIS A 34 -1.88 -10.98 -12.10
C HIS A 34 -2.70 -10.06 -11.18
N TRP A 35 -2.19 -9.79 -9.98
CA TRP A 35 -2.76 -8.92 -8.95
C TRP A 35 -1.89 -7.67 -8.77
N ALA A 36 -2.39 -6.64 -8.08
CA ALA A 36 -1.66 -5.39 -7.80
C ALA A 36 -0.26 -5.63 -7.22
N LYS A 37 -0.15 -6.60 -6.29
CA LYS A 37 1.10 -7.03 -5.63
C LYS A 37 2.20 -7.53 -6.60
N ASP A 38 1.86 -7.76 -7.86
CA ASP A 38 2.74 -8.23 -8.94
C ASP A 38 2.57 -7.41 -10.25
N CYS A 39 1.91 -6.24 -10.17
CA CYS A 39 1.63 -5.39 -11.33
C CYS A 39 2.92 -4.96 -12.10
N PRO A 40 3.00 -5.23 -13.43
CA PRO A 40 4.18 -4.88 -14.23
C PRO A 40 4.38 -3.38 -14.42
N LYS A 41 3.34 -2.56 -14.13
CA LYS A 41 3.39 -1.11 -14.23
C LYS A 41 4.08 -0.46 -13.01
N LYS A 42 4.17 -1.15 -11.86
CA LYS A 42 4.79 -0.59 -10.64
C LYS A 42 6.31 -0.34 -10.84
N PRO A 43 6.88 0.75 -10.26
CA PRO A 43 8.30 1.16 -10.37
C PRO A 43 9.35 0.04 -10.35
N ARG A 44 9.74 -0.43 -11.55
CA ARG A 44 10.71 -1.52 -11.80
C ARG A 44 10.47 -2.80 -10.98
N GLY A 45 9.19 -3.05 -10.65
CA GLY A 45 8.72 -4.18 -9.84
C GLY A 45 7.75 -3.76 -8.72
N PRO A 46 7.47 -4.67 -7.76
CA PRO A 46 7.53 -6.14 -7.94
C PRO A 46 6.62 -6.62 -9.09
N ARG A 47 7.15 -7.56 -9.90
CA ARG A 47 6.47 -8.14 -11.07
C ARG A 47 6.98 -9.54 -11.43
N GLY A 48 6.15 -10.30 -12.15
CA GLY A 48 6.47 -11.64 -12.65
C GLY A 48 5.29 -12.43 -13.27
N PRO A 49 4.51 -11.84 -14.20
CA PRO A 49 3.38 -12.53 -14.83
C PRO A 49 3.87 -13.66 -15.76
N ARG A 50 3.64 -14.92 -15.36
CA ARG A 50 4.05 -16.15 -16.07
C ARG A 50 2.96 -17.24 -16.00
N PRO A 51 2.91 -18.16 -16.99
CA PRO A 51 1.94 -19.26 -17.02
C PRO A 51 2.24 -20.33 -15.94
N GLN A 52 1.29 -21.22 -15.69
CA GLN A 52 1.38 -22.31 -14.70
C GLN A 52 0.75 -23.62 -15.25
N THR A 53 1.09 -24.75 -14.63
CA THR A 53 0.62 -26.10 -15.00
C THR A 53 -0.91 -26.22 -14.93
N SER A 54 -1.51 -26.92 -15.91
CA SER A 54 -2.96 -27.16 -16.02
C SER A 54 -3.27 -28.49 -16.72
N LEU A 55 -4.53 -28.93 -16.61
CA LEU A 55 -5.02 -30.20 -17.20
C LEU A 55 -6.44 -30.10 -17.84
N LEU A 56 -7.16 -28.99 -17.61
CA LEU A 56 -8.51 -28.72 -18.14
C LEU A 56 -8.70 -27.22 -18.38
ZN ZN C . -1.24 -4.49 -12.94
N ALA A 1 23.46 -0.51 12.05
CA ALA A 1 22.98 -0.91 13.40
C ALA A 1 23.79 -0.22 14.51
N THR A 2 24.95 -0.77 14.90
CA THR A 2 25.84 -0.24 15.95
C THR A 2 27.32 -0.36 15.55
N VAL A 3 28.19 0.42 16.20
CA VAL A 3 29.66 0.46 15.92
C VAL A 3 30.55 0.31 17.18
N VAL A 4 29.95 -0.05 18.32
CA VAL A 4 30.55 -0.26 19.67
C VAL A 4 31.04 1.05 20.31
N SER A 5 31.85 1.85 19.59
CA SER A 5 32.38 3.16 20.03
C SER A 5 31.38 4.31 19.87
N GLY A 6 30.14 4.03 19.42
CA GLY A 6 29.07 5.01 19.20
C GLY A 6 27.71 4.37 18.90
N GLN A 7 26.68 5.21 18.76
CA GLN A 7 25.29 4.82 18.51
C GLN A 7 24.55 5.84 17.62
N LYS A 8 23.35 5.47 17.13
CA LYS A 8 22.49 6.30 16.25
C LYS A 8 21.01 6.06 16.58
N GLN A 9 20.19 7.12 16.45
CA GLN A 9 18.74 7.12 16.78
C GLN A 9 17.86 7.79 15.69
N ASP A 10 18.41 8.07 14.50
CA ASP A 10 17.74 8.72 13.37
C ASP A 10 16.56 7.90 12.77
N ARG A 11 15.62 8.59 12.11
CA ARG A 11 14.44 8.00 11.44
C ARG A 11 14.04 8.84 10.21
N GLN A 12 13.53 8.18 9.17
CA GLN A 12 13.02 8.80 7.93
C GLN A 12 12.03 7.83 7.23
N GLY A 13 11.09 8.36 6.44
CA GLY A 13 10.10 7.59 5.69
C GLY A 13 9.65 8.29 4.39
N GLY A 14 9.09 7.53 3.45
CA GLY A 14 8.66 8.07 2.14
C GLY A 14 8.07 7.05 1.16
N GLU A 15 7.29 6.07 1.65
CA GLU A 15 6.66 5.03 0.82
C GLU A 15 5.30 4.61 1.41
N ARG A 16 4.33 4.29 0.53
CA ARG A 16 2.96 3.85 0.88
C ARG A 16 2.49 2.73 -0.07
N ARG A 17 3.35 1.75 -0.30
CA ARG A 17 3.13 0.60 -1.21
C ARG A 17 3.64 -0.72 -0.62
N ARG A 18 3.15 -1.84 -1.18
CA ARG A 18 3.54 -3.23 -0.82
C ARG A 18 4.65 -3.79 -1.72
N SER A 19 4.99 -3.07 -2.79
CA SER A 19 5.96 -3.39 -3.86
C SER A 19 7.36 -3.87 -3.43
N GLN A 20 7.75 -3.64 -2.17
CA GLN A 20 9.05 -4.07 -1.61
C GLN A 20 8.91 -4.86 -0.30
N LEU A 21 7.80 -5.58 -0.13
CA LEU A 21 7.54 -6.46 1.02
C LEU A 21 7.86 -7.94 0.72
N ASP A 22 8.01 -8.71 1.79
CA ASP A 22 8.24 -10.15 1.85
C ASP A 22 7.61 -10.63 3.17
N ARG A 23 6.88 -11.76 3.19
CA ARG A 23 6.16 -12.27 4.37
C ARG A 23 7.04 -12.77 5.52
N ASP A 24 8.35 -12.56 5.39
CA ASP A 24 9.41 -12.84 6.36
C ASP A 24 10.28 -11.56 6.60
N GLN A 25 9.70 -10.38 6.38
CA GLN A 25 10.31 -9.05 6.52
C GLN A 25 9.41 -8.09 7.32
N CYS A 26 9.98 -7.09 7.99
CA CYS A 26 9.27 -6.09 8.79
C CYS A 26 8.73 -4.91 7.94
N ALA A 27 7.44 -4.61 7.99
CA ALA A 27 6.92 -3.44 7.26
C ALA A 27 7.49 -2.11 7.77
N TYR A 28 7.78 -2.00 9.08
CA TYR A 28 8.25 -0.76 9.72
C TYR A 28 9.73 -0.40 9.47
N CYS A 29 10.65 -1.37 9.52
CA CYS A 29 12.09 -1.11 9.33
C CYS A 29 12.74 -1.89 8.17
N LYS A 30 12.02 -2.85 7.57
CA LYS A 30 12.42 -3.67 6.42
C LYS A 30 13.57 -4.64 6.67
N GLU A 31 13.91 -4.90 7.93
CA GLU A 31 14.82 -5.99 8.33
C GLU A 31 14.07 -7.34 8.20
N LYS A 32 14.77 -8.47 8.25
CA LYS A 32 14.18 -9.82 8.11
C LYS A 32 14.19 -10.67 9.38
N GLY A 33 13.34 -11.69 9.41
CA GLY A 33 13.16 -12.64 10.52
C GLY A 33 12.03 -12.28 11.49
N HIS A 34 11.35 -11.15 11.30
CA HIS A 34 10.25 -10.64 12.11
C HIS A 34 9.31 -9.73 11.30
N TRP A 35 8.21 -9.30 11.92
CA TRP A 35 7.19 -8.38 11.39
C TRP A 35 7.15 -7.11 12.24
N ALA A 36 6.56 -6.02 11.73
CA ALA A 36 6.45 -4.73 12.43
C ALA A 36 5.89 -4.84 13.85
N LYS A 37 4.89 -5.73 14.04
CA LYS A 37 4.20 -6.03 15.31
C LYS A 37 5.16 -6.56 16.40
N ASP A 38 6.38 -6.95 16.02
CA ASP A 38 7.45 -7.48 16.87
C ASP A 38 8.81 -6.77 16.62
N CYS A 39 8.80 -5.63 15.92
CA CYS A 39 10.01 -4.87 15.56
C CYS A 39 10.91 -4.52 16.78
N PRO A 40 12.23 -4.81 16.74
CA PRO A 40 13.14 -4.55 17.86
C PRO A 40 13.32 -3.06 18.17
N LYS A 41 12.98 -2.18 17.22
CA LYS A 41 13.08 -0.70 17.36
C LYS A 41 11.71 0.00 17.35
N LYS A 42 10.59 -0.73 17.52
CA LYS A 42 9.23 -0.16 17.49
C LYS A 42 9.06 1.02 18.50
N PRO A 43 8.44 2.14 18.11
CA PRO A 43 8.23 3.30 19.00
C PRO A 43 7.21 3.07 20.15
N ARG A 44 6.50 1.94 20.18
CA ARG A 44 5.52 1.56 21.21
C ARG A 44 5.67 0.10 21.65
N GLY A 45 5.33 -0.17 22.91
CA GLY A 45 5.42 -1.48 23.56
C GLY A 45 6.14 -1.35 24.92
N PRO A 46 7.32 -1.97 25.10
CA PRO A 46 8.27 -2.33 24.03
C PRO A 46 8.07 -3.77 23.56
N ARG A 47 8.26 -4.01 22.24
CA ARG A 47 8.12 -5.33 21.57
C ARG A 47 6.85 -6.10 21.98
N GLY A 48 5.73 -5.39 22.10
CA GLY A 48 4.43 -5.92 22.51
C GLY A 48 3.28 -4.90 22.41
N PRO A 49 2.95 -4.38 21.20
CA PRO A 49 1.89 -3.38 20.98
C PRO A 49 0.47 -3.98 20.97
N ARG A 50 0.21 -4.95 21.86
CA ARG A 50 -1.05 -5.68 22.01
C ARG A 50 -1.25 -6.18 23.46
N PRO A 51 -2.45 -6.05 24.05
CA PRO A 51 -2.73 -6.51 25.42
C PRO A 51 -2.76 -8.05 25.51
N GLN A 52 -2.71 -8.58 26.74
CA GLN A 52 -2.74 -10.01 27.05
C GLN A 52 -3.62 -10.31 28.28
N THR A 53 -4.05 -11.58 28.40
CA THR A 53 -4.92 -12.09 29.49
C THR A 53 -4.47 -13.49 29.90
N SER A 54 -4.66 -13.85 31.18
CA SER A 54 -4.30 -15.16 31.76
C SER A 54 -4.96 -16.33 31.03
N LEU A 55 -4.24 -17.45 30.92
CA LEU A 55 -4.68 -18.69 30.26
C LEU A 55 -4.04 -19.95 30.87
N LEU A 56 -4.45 -21.14 30.40
CA LEU A 56 -3.96 -22.44 30.85
C LEU A 56 -3.96 -23.45 29.68
ZN ZN C . 11.48 -4.07 12.58
N ALA A 1 10.36 21.83 -4.94
CA ALA A 1 10.37 20.49 -4.30
C ALA A 1 9.85 20.57 -2.85
N THR A 2 9.31 19.46 -2.32
CA THR A 2 8.75 19.34 -0.96
C THR A 2 9.15 18.00 -0.34
N VAL A 3 9.50 18.00 0.95
CA VAL A 3 9.97 16.81 1.71
C VAL A 3 9.28 16.62 3.08
N VAL A 4 8.18 17.35 3.33
CA VAL A 4 7.39 17.30 4.59
C VAL A 4 5.90 17.23 4.26
N SER A 5 5.20 16.26 4.86
CA SER A 5 3.76 16.01 4.67
C SER A 5 2.85 17.13 5.21
N GLY A 6 1.62 17.19 4.71
CA GLY A 6 0.58 18.14 5.12
C GLY A 6 -0.77 17.86 4.45
N GLN A 7 -1.84 18.46 4.97
CA GLN A 7 -3.22 18.27 4.48
C GLN A 7 -4.11 19.49 4.81
N LYS A 8 -4.92 19.93 3.83
CA LYS A 8 -5.88 21.06 3.94
C LYS A 8 -7.26 20.77 3.33
N GLN A 9 -7.47 19.57 2.78
CA GLN A 9 -8.71 19.10 2.14
C GLN A 9 -8.94 17.60 2.44
N ASP A 10 -10.06 17.05 1.97
CA ASP A 10 -10.44 15.64 2.14
C ASP A 10 -10.96 15.01 0.84
N ARG A 11 -11.00 13.67 0.80
CA ARG A 11 -11.47 12.83 -0.33
C ARG A 11 -12.30 11.64 0.19
N GLN A 12 -13.12 11.06 -0.69
CA GLN A 12 -13.98 9.90 -0.37
C GLN A 12 -13.77 8.71 -1.34
N GLY A 13 -13.17 8.94 -2.52
CA GLY A 13 -12.87 7.92 -3.52
C GLY A 13 -12.89 8.43 -4.97
N GLY A 14 -12.52 7.54 -5.88
CA GLY A 14 -12.45 7.74 -7.34
C GLY A 14 -12.56 6.44 -8.16
N GLU A 15 -12.54 5.27 -7.51
CA GLU A 15 -12.64 3.93 -8.11
C GLU A 15 -13.51 3.00 -7.23
N ARG A 16 -14.04 1.93 -7.84
CA ARG A 16 -14.92 0.91 -7.20
C ARG A 16 -14.67 -0.53 -7.66
N ARG A 17 -13.85 -0.75 -8.70
CA ARG A 17 -13.57 -2.09 -9.29
C ARG A 17 -12.08 -2.50 -9.19
N ARG A 18 -11.29 -1.79 -8.37
CA ARG A 18 -9.87 -2.04 -8.05
C ARG A 18 -9.03 -2.51 -9.25
N SER A 19 -8.90 -1.67 -10.27
CA SER A 19 -8.17 -1.90 -11.53
C SER A 19 -8.57 -3.20 -12.26
N GLN A 20 -9.78 -3.71 -12.00
CA GLN A 20 -10.31 -4.99 -12.51
C GLN A 20 -9.38 -6.18 -12.17
N LEU A 21 -8.74 -6.11 -10.99
CA LEU A 21 -7.83 -7.14 -10.48
C LEU A 21 -8.53 -8.50 -10.27
N ASP A 22 -7.70 -9.54 -10.15
CA ASP A 22 -8.05 -10.93 -9.85
C ASP A 22 -7.04 -11.47 -8.83
N ARG A 23 -7.35 -12.56 -8.12
CA ARG A 23 -6.46 -13.18 -7.10
C ARG A 23 -5.26 -13.94 -7.69
N ASP A 24 -4.97 -13.65 -8.95
CA ASP A 24 -3.82 -14.13 -9.74
C ASP A 24 -2.97 -12.95 -10.28
N GLN A 25 -3.27 -11.70 -9.91
CA GLN A 25 -2.57 -10.48 -10.36
C GLN A 25 -1.95 -9.66 -9.21
N CYS A 26 -1.08 -8.72 -9.56
CA CYS A 26 -0.35 -7.82 -8.67
C CYS A 26 -1.00 -6.42 -8.59
N ALA A 27 -1.33 -5.95 -7.39
CA ALA A 27 -1.89 -4.61 -7.22
C ALA A 27 -0.91 -3.46 -7.58
N TYR A 28 0.40 -3.70 -7.48
CA TYR A 28 1.45 -2.70 -7.74
C TYR A 28 1.79 -2.46 -9.22
N CYS A 29 1.81 -3.51 -10.06
CA CYS A 29 2.16 -3.41 -11.48
C CYS A 29 1.13 -4.00 -12.47
N LYS A 30 0.07 -4.65 -11.95
CA LYS A 30 -1.06 -5.26 -12.68
C LYS A 30 -0.71 -6.51 -13.51
N GLU A 31 0.54 -6.98 -13.48
CA GLU A 31 0.95 -8.25 -14.11
C GLU A 31 0.29 -9.46 -13.41
N LYS A 32 0.43 -10.66 -13.98
CA LYS A 32 -0.14 -11.91 -13.46
C LYS A 32 0.91 -12.96 -13.05
N GLY A 33 0.48 -13.95 -12.28
CA GLY A 33 1.30 -15.05 -11.75
C GLY A 33 1.91 -14.78 -10.37
N HIS A 34 1.68 -13.60 -9.79
CA HIS A 34 2.15 -13.16 -8.47
C HIS A 34 1.27 -12.03 -7.92
N TRP A 35 1.48 -11.66 -6.65
CA TRP A 35 0.80 -10.55 -5.95
C TRP A 35 1.83 -9.45 -5.64
N ALA A 36 1.38 -8.25 -5.25
CA ALA A 36 2.26 -7.12 -4.92
C ALA A 36 3.36 -7.46 -3.89
N LYS A 37 3.03 -8.28 -2.88
CA LYS A 37 3.94 -8.78 -1.84
C LYS A 37 5.11 -9.63 -2.39
N ASP A 38 5.03 -10.02 -3.65
CA ASP A 38 5.99 -10.84 -4.40
C ASP A 38 6.33 -10.22 -5.77
N CYS A 39 6.05 -8.92 -5.97
CA CYS A 39 6.33 -8.24 -7.24
C CYS A 39 7.82 -8.31 -7.64
N PRO A 40 8.18 -8.76 -8.86
CA PRO A 40 9.57 -8.83 -9.30
C PRO A 40 10.22 -7.46 -9.50
N LYS A 41 9.42 -6.38 -9.56
CA LYS A 41 9.87 -4.99 -9.71
C LYS A 41 10.25 -4.33 -8.39
N LYS A 42 9.90 -4.92 -7.23
CA LYS A 42 10.25 -4.38 -5.90
C LYS A 42 11.76 -4.52 -5.59
N PRO A 43 12.29 -3.72 -4.64
CA PRO A 43 13.69 -3.83 -4.19
C PRO A 43 13.93 -5.17 -3.47
N ARG A 44 15.20 -5.52 -3.22
CA ARG A 44 15.63 -6.78 -2.58
C ARG A 44 15.07 -8.02 -3.33
N GLY A 45 15.09 -7.94 -4.66
CA GLY A 45 14.61 -8.97 -5.59
C GLY A 45 15.63 -10.09 -5.89
N PRO A 46 15.41 -10.85 -6.99
CA PRO A 46 14.11 -11.11 -7.61
C PRO A 46 13.09 -11.79 -6.67
N ARG A 47 11.82 -11.84 -7.11
CA ARG A 47 10.66 -12.43 -6.42
C ARG A 47 9.76 -13.15 -7.43
N GLY A 48 8.87 -14.03 -6.97
CA GLY A 48 7.99 -14.81 -7.85
C GLY A 48 6.99 -15.76 -7.14
N PRO A 49 6.35 -16.69 -7.88
CA PRO A 49 5.36 -17.64 -7.36
C PRO A 49 5.93 -18.70 -6.40
N ARG A 50 5.01 -19.47 -5.79
CA ARG A 50 5.24 -20.57 -4.83
C ARG A 50 4.22 -21.70 -4.99
N PRO A 51 4.53 -22.95 -4.58
CA PRO A 51 3.64 -24.12 -4.64
C PRO A 51 2.22 -23.90 -4.08
N GLN A 52 1.28 -24.73 -4.53
CA GLN A 52 -0.14 -24.73 -4.13
C GLN A 52 -0.69 -26.16 -4.04
N THR A 53 -1.74 -26.38 -3.25
CA THR A 53 -2.36 -27.71 -2.97
C THR A 53 -3.89 -27.74 -3.16
N SER A 54 -4.48 -26.73 -3.79
CA SER A 54 -5.92 -26.59 -4.07
C SER A 54 -6.54 -27.78 -4.81
N LEU A 55 -7.85 -28.01 -4.61
CA LEU A 55 -8.61 -29.14 -5.18
C LEU A 55 -9.92 -28.77 -5.91
N LEU A 56 -10.28 -27.49 -5.95
CA LEU A 56 -11.49 -26.98 -6.63
C LEU A 56 -11.21 -25.74 -7.50
ZN ZN C . 4.29 -6.93 -9.70
N ALA A 1 -21.41 6.92 -21.18
CA ALA A 1 -21.93 8.13 -21.89
C ALA A 1 -20.80 9.11 -22.20
N THR A 2 -21.00 10.01 -23.17
CA THR A 2 -20.05 11.06 -23.57
C THR A 2 -20.76 12.31 -24.11
N VAL A 3 -20.02 13.40 -24.35
CA VAL A 3 -20.52 14.69 -24.85
C VAL A 3 -19.55 15.30 -25.88
N VAL A 4 -20.10 15.98 -26.90
CA VAL A 4 -19.34 16.59 -28.02
C VAL A 4 -19.70 18.08 -28.27
N SER A 5 -20.47 18.68 -27.36
CA SER A 5 -20.91 20.09 -27.42
C SER A 5 -20.84 20.77 -26.02
N GLY A 6 -19.90 20.31 -25.18
CA GLY A 6 -19.66 20.80 -23.82
C GLY A 6 -18.39 20.19 -23.20
N GLN A 7 -18.08 20.57 -21.96
CA GLN A 7 -16.88 20.14 -21.22
C GLN A 7 -17.19 19.26 -19.97
N LYS A 8 -18.47 19.07 -19.64
CA LYS A 8 -18.94 18.24 -18.51
C LYS A 8 -20.32 17.64 -18.80
N GLN A 9 -20.61 16.49 -18.18
CA GLN A 9 -21.88 15.74 -18.29
C GLN A 9 -22.14 14.93 -17.02
N ASP A 10 -21.09 14.28 -16.50
CA ASP A 10 -21.07 13.47 -15.27
C ASP A 10 -19.65 13.50 -14.67
N ARG A 11 -19.51 13.20 -13.38
CA ARG A 11 -18.21 13.18 -12.66
C ARG A 11 -17.16 12.28 -13.30
N GLN A 12 -15.91 12.76 -13.36
CA GLN A 12 -14.75 12.07 -13.93
C GLN A 12 -13.56 11.98 -12.93
N GLY A 13 -13.61 12.69 -11.80
CA GLY A 13 -12.53 12.68 -10.79
C GLY A 13 -12.41 11.39 -9.97
N GLY A 14 -13.48 10.60 -9.89
CA GLY A 14 -13.55 9.32 -9.16
C GLY A 14 -15.00 8.84 -8.97
N GLU A 15 -15.20 7.73 -8.27
CA GLU A 15 -16.55 7.18 -8.00
C GLU A 15 -16.66 6.41 -6.67
N ARG A 16 -15.66 5.60 -6.32
CA ARG A 16 -15.60 4.78 -5.09
C ARG A 16 -14.14 4.55 -4.67
N ARG A 17 -13.87 4.51 -3.35
CA ARG A 17 -12.52 4.24 -2.77
C ARG A 17 -11.90 2.89 -3.18
N ARG A 18 -12.72 1.97 -3.70
CA ARG A 18 -12.38 0.59 -4.12
C ARG A 18 -12.68 0.35 -5.62
N SER A 19 -12.93 1.42 -6.39
CA SER A 19 -13.25 1.36 -7.83
C SER A 19 -12.22 0.53 -8.61
N GLN A 20 -12.67 -0.62 -9.14
CA GLN A 20 -11.88 -1.61 -9.88
C GLN A 20 -10.58 -2.06 -9.17
N LEU A 21 -10.57 -2.00 -7.85
CA LEU A 21 -9.43 -2.42 -7.00
C LEU A 21 -9.32 -3.95 -7.00
N ASP A 22 -8.11 -4.47 -7.18
CA ASP A 22 -7.79 -5.90 -7.20
C ASP A 22 -6.55 -6.19 -6.36
N ARG A 23 -6.42 -7.43 -5.88
CA ARG A 23 -5.34 -7.97 -5.01
C ARG A 23 -3.95 -8.04 -5.68
N ASP A 24 -3.80 -7.36 -6.81
CA ASP A 24 -2.55 -7.21 -7.57
C ASP A 24 -2.18 -5.73 -7.84
N GLN A 25 -2.96 -4.77 -7.30
CA GLN A 25 -2.72 -3.33 -7.45
C GLN A 25 -2.17 -2.66 -6.18
N CYS A 26 -1.68 -1.42 -6.28
CA CYS A 26 -1.17 -0.63 -5.16
C CYS A 26 -2.21 0.37 -4.66
N ALA A 27 -2.62 0.27 -3.39
CA ALA A 27 -3.57 1.22 -2.82
C ALA A 27 -3.05 2.68 -2.77
N TYR A 28 -1.73 2.88 -2.72
CA TYR A 28 -1.12 4.21 -2.63
C TYR A 28 -0.93 4.94 -3.97
N CYS A 29 -0.46 4.27 -5.03
CA CYS A 29 -0.20 4.92 -6.32
C CYS A 29 -1.05 4.39 -7.50
N LYS A 30 -1.88 3.35 -7.28
CA LYS A 30 -2.78 2.71 -8.26
C LYS A 30 -2.08 1.90 -9.35
N GLU A 31 -0.76 1.71 -9.29
CA GLU A 31 -0.02 0.83 -10.21
C GLU A 31 -0.41 -0.65 -10.01
N LYS A 32 0.09 -1.53 -10.89
CA LYS A 32 -0.19 -2.99 -10.88
C LYS A 32 1.12 -3.79 -10.87
N GLY A 33 1.15 -4.88 -10.09
CA GLY A 33 2.29 -5.78 -9.91
C GLY A 33 2.89 -5.76 -8.48
N HIS A 34 2.45 -4.82 -7.63
CA HIS A 34 2.87 -4.65 -6.24
C HIS A 34 1.73 -3.99 -5.42
N TRP A 35 1.90 -3.95 -4.09
CA TRP A 35 0.96 -3.34 -3.13
C TRP A 35 1.58 -2.08 -2.48
N ALA A 36 0.78 -1.26 -1.78
CA ALA A 36 1.28 -0.07 -1.09
C ALA A 36 2.45 -0.37 -0.13
N LYS A 37 2.36 -1.50 0.60
CA LYS A 37 3.36 -2.04 1.52
C LYS A 37 4.71 -2.42 0.84
N ASP A 38 4.78 -2.34 -0.49
CA ASP A 38 5.94 -2.63 -1.34
C ASP A 38 6.14 -1.54 -2.43
N CYS A 39 5.42 -0.41 -2.35
CA CYS A 39 5.43 0.68 -3.33
C CYS A 39 6.85 1.28 -3.60
N PRO A 40 7.29 1.41 -4.87
CA PRO A 40 8.61 1.94 -5.21
C PRO A 40 8.76 3.45 -4.93
N LYS A 41 7.66 4.15 -4.60
CA LYS A 41 7.67 5.58 -4.24
C LYS A 41 7.29 5.85 -2.77
N LYS A 42 7.17 4.81 -1.93
CA LYS A 42 6.86 4.95 -0.49
C LYS A 42 8.10 4.63 0.37
N PRO A 43 8.45 5.44 1.40
CA PRO A 43 9.62 5.21 2.25
C PRO A 43 9.60 3.87 3.01
N ARG A 44 8.41 3.28 3.25
CA ARG A 44 8.22 1.97 3.91
C ARG A 44 7.96 0.81 2.95
N GLY A 45 8.29 1.05 1.68
CA GLY A 45 8.21 0.10 0.56
C GLY A 45 9.35 -0.94 0.52
N PRO A 46 10.60 -0.58 0.90
CA PRO A 46 11.20 0.75 0.75
C PRO A 46 11.18 1.27 -0.70
N ARG A 47 11.43 2.58 -0.87
CA ARG A 47 11.48 3.26 -2.17
C ARG A 47 12.60 2.67 -3.06
N GLY A 48 12.40 2.69 -4.38
CA GLY A 48 13.38 2.18 -5.34
C GLY A 48 13.05 2.49 -6.82
N PRO A 49 12.92 3.77 -7.22
CA PRO A 49 12.65 4.14 -8.62
C PRO A 49 13.87 3.83 -9.52
N ARG A 50 13.63 3.68 -10.83
CA ARG A 50 14.65 3.36 -11.84
C ARG A 50 14.32 3.99 -13.21
N PRO A 51 15.27 4.61 -13.93
CA PRO A 51 15.05 5.20 -15.25
C PRO A 51 14.86 4.13 -16.33
N GLN A 52 14.28 4.51 -17.47
CA GLN A 52 14.04 3.64 -18.63
C GLN A 52 13.96 4.43 -19.94
N THR A 53 14.06 3.73 -21.08
CA THR A 53 13.98 4.28 -22.45
C THR A 53 13.24 3.30 -23.38
N SER A 54 12.67 3.83 -24.47
CA SER A 54 11.93 3.05 -25.49
C SER A 54 11.88 3.79 -26.84
N LEU A 55 11.37 3.13 -27.88
CA LEU A 55 11.22 3.68 -29.23
C LEU A 55 10.14 4.78 -29.31
N LEU A 56 10.21 5.62 -30.33
CA LEU A 56 9.27 6.74 -30.59
C LEU A 56 9.13 6.99 -32.10
ZN ZN C . 2.98 1.92 -5.50
N ALA A 1 -13.43 32.23 -1.24
CA ALA A 1 -13.13 30.79 -1.47
C ALA A 1 -13.51 29.95 -0.24
N THR A 2 -13.78 28.65 -0.45
CA THR A 2 -14.16 27.67 0.59
C THR A 2 -13.50 26.31 0.36
N VAL A 3 -13.56 25.42 1.36
CA VAL A 3 -12.99 24.05 1.35
C VAL A 3 -13.94 23.05 2.03
N VAL A 4 -13.73 21.75 1.78
CA VAL A 4 -14.52 20.64 2.35
C VAL A 4 -13.69 19.36 2.47
N SER A 5 -14.02 18.51 3.45
CA SER A 5 -13.37 17.22 3.74
C SER A 5 -14.33 16.27 4.49
N GLY A 6 -14.09 14.97 4.42
CA GLY A 6 -14.90 13.93 5.06
C GLY A 6 -14.58 12.52 4.56
N GLN A 7 -15.39 11.52 4.95
CA GLN A 7 -15.27 10.12 4.55
C GLN A 7 -16.67 9.51 4.32
N LYS A 8 -16.79 8.65 3.29
CA LYS A 8 -18.03 7.99 2.84
C LYS A 8 -19.22 8.94 2.67
N GLN A 9 -18.94 10.12 2.13
CA GLN A 9 -19.91 11.15 1.73
C GLN A 9 -20.54 10.75 0.37
N ASP A 10 -19.80 10.01 -0.45
CA ASP A 10 -20.20 9.45 -1.74
C ASP A 10 -19.56 8.05 -1.94
N ARG A 11 -19.78 7.43 -3.11
CA ARG A 11 -19.28 6.10 -3.48
C ARG A 11 -18.89 5.97 -4.97
N GLN A 12 -19.31 6.90 -5.84
CA GLN A 12 -19.06 6.84 -7.28
C GLN A 12 -18.53 8.17 -7.88
N GLY A 13 -18.01 8.08 -9.11
CA GLY A 13 -17.44 9.20 -9.88
C GLY A 13 -16.56 8.71 -11.04
N GLY A 14 -15.89 9.64 -11.73
CA GLY A 14 -14.98 9.37 -12.84
C GLY A 14 -13.59 8.85 -12.45
N GLU A 15 -13.45 8.24 -11.27
CA GLU A 15 -12.19 7.68 -10.74
C GLU A 15 -12.42 6.31 -10.09
N ARG A 16 -11.38 5.48 -10.11
CA ARG A 16 -11.36 4.11 -9.58
C ARG A 16 -11.36 4.09 -8.03
N ARG A 17 -11.70 2.92 -7.47
CA ARG A 17 -11.86 2.68 -6.01
C ARG A 17 -11.51 1.22 -5.68
N ARG A 18 -11.60 0.79 -4.41
CA ARG A 18 -11.42 -0.63 -4.01
C ARG A 18 -12.54 -1.57 -4.50
N SER A 19 -13.58 -1.02 -5.14
CA SER A 19 -14.69 -1.75 -5.75
C SER A 19 -14.16 -2.90 -6.62
N GLN A 20 -14.74 -4.09 -6.47
CA GLN A 20 -14.33 -5.32 -7.14
C GLN A 20 -12.89 -5.78 -6.80
N LEU A 21 -12.42 -5.47 -5.59
CA LEU A 21 -11.13 -5.95 -5.06
C LEU A 21 -11.05 -7.50 -5.10
N ASP A 22 -9.82 -8.02 -5.12
CA ASP A 22 -9.51 -9.45 -5.05
C ASP A 22 -8.17 -9.60 -4.31
N ARG A 23 -8.00 -10.69 -3.54
CA ARG A 23 -6.82 -11.00 -2.72
C ARG A 23 -5.55 -11.35 -3.51
N ASP A 24 -5.55 -11.04 -4.80
CA ASP A 24 -4.43 -11.19 -5.75
C ASP A 24 -4.12 -9.87 -6.51
N GLN A 25 -4.87 -8.79 -6.28
CA GLN A 25 -4.63 -7.46 -6.89
C GLN A 25 -3.60 -6.64 -6.09
N CYS A 26 -3.14 -5.52 -6.64
CA CYS A 26 -2.26 -4.54 -5.99
C CYS A 26 -3.06 -3.30 -5.57
N ALA A 27 -3.13 -3.01 -4.27
CA ALA A 27 -3.86 -1.84 -3.77
C ALA A 27 -3.25 -0.48 -4.16
N TYR A 28 -2.04 -0.43 -4.76
CA TYR A 28 -1.37 0.82 -5.15
C TYR A 28 -1.42 1.13 -6.65
N CYS A 29 -1.33 0.12 -7.53
CA CYS A 29 -1.35 0.30 -8.99
C CYS A 29 -2.50 -0.44 -9.73
N LYS A 30 -3.26 -1.28 -9.01
CA LYS A 30 -4.41 -2.07 -9.50
C LYS A 30 -4.06 -3.23 -10.47
N GLU A 31 -2.78 -3.56 -10.63
CA GLU A 31 -2.35 -4.77 -11.36
C GLU A 31 -2.77 -6.04 -10.60
N LYS A 32 -2.56 -7.23 -11.19
CA LYS A 32 -2.90 -8.53 -10.59
C LYS A 32 -1.73 -9.51 -10.72
N GLY A 33 -1.48 -10.26 -9.64
CA GLY A 33 -0.38 -11.24 -9.50
C GLY A 33 0.58 -10.90 -8.34
N HIS A 34 0.45 -9.72 -7.75
CA HIS A 34 1.23 -9.21 -6.62
C HIS A 34 0.40 -8.20 -5.80
N TRP A 35 0.83 -7.96 -4.56
CA TRP A 35 0.23 -6.96 -3.66
C TRP A 35 1.06 -5.68 -3.67
N ALA A 36 0.51 -4.57 -3.16
CA ALA A 36 1.21 -3.29 -3.07
C ALA A 36 2.55 -3.41 -2.32
N LYS A 37 2.59 -4.27 -1.31
CA LYS A 37 3.76 -4.60 -0.47
C LYS A 37 4.91 -5.24 -1.28
N ASP A 38 4.66 -5.58 -2.54
CA ASP A 38 5.58 -6.17 -3.52
C ASP A 38 5.44 -5.50 -4.91
N CYS A 39 4.82 -4.31 -5.01
CA CYS A 39 4.61 -3.59 -6.27
C CYS A 39 5.94 -3.28 -7.01
N PRO A 40 6.11 -3.74 -8.26
CA PRO A 40 7.36 -3.52 -9.01
C PRO A 40 7.56 -2.06 -9.43
N LYS A 41 6.54 -1.20 -9.28
CA LYS A 41 6.58 0.24 -9.60
C LYS A 41 6.99 1.10 -8.39
N LYS A 42 6.92 0.59 -7.15
CA LYS A 42 7.26 1.39 -5.95
C LYS A 42 8.75 1.77 -5.86
N PRO A 43 9.09 2.91 -5.19
CA PRO A 43 10.48 3.37 -5.03
C PRO A 43 11.25 2.65 -3.89
N ARG A 44 10.56 1.91 -3.01
CA ARG A 44 11.12 1.20 -1.85
C ARG A 44 10.37 -0.11 -1.58
N GLY A 45 11.03 -1.06 -0.92
CA GLY A 45 10.46 -2.38 -0.58
C GLY A 45 11.33 -3.32 0.28
N PRO A 46 12.69 -3.28 0.22
CA PRO A 46 13.54 -2.90 -0.91
C PRO A 46 13.20 -3.66 -2.21
N ARG A 47 12.49 -2.98 -3.12
CA ARG A 47 12.01 -3.43 -4.43
C ARG A 47 11.62 -2.21 -5.26
N GLY A 48 11.77 -2.27 -6.58
CA GLY A 48 11.42 -1.17 -7.49
C GLY A 48 11.89 -1.36 -8.94
N PRO A 49 11.56 -0.43 -9.86
CA PRO A 49 11.88 -0.50 -11.28
C PRO A 49 13.32 -0.12 -11.66
N ARG A 50 14.24 -0.29 -10.71
CA ARG A 50 15.69 0.01 -10.83
C ARG A 50 16.54 -1.04 -10.09
N PRO A 51 16.63 -2.28 -10.60
CA PRO A 51 17.39 -3.37 -9.98
C PRO A 51 18.90 -3.24 -10.23
N GLN A 52 19.71 -3.96 -9.43
CA GLN A 52 21.18 -3.99 -9.57
C GLN A 52 21.62 -4.68 -10.88
N THR A 53 20.86 -5.69 -11.34
CA THR A 53 21.11 -6.43 -12.60
C THR A 53 19.83 -7.10 -13.14
N SER A 54 18.98 -7.64 -12.26
CA SER A 54 17.70 -8.29 -12.59
C SER A 54 16.73 -8.25 -11.39
N LEU A 55 15.44 -8.50 -11.65
CA LEU A 55 14.34 -8.50 -10.67
C LEU A 55 13.54 -9.82 -10.71
N LEU A 56 13.97 -10.82 -11.50
CA LEU A 56 13.34 -12.13 -11.67
C LEU A 56 14.37 -13.24 -11.86
ZN ZN C . 1.78 -2.76 -8.09
N ALA A 1 -13.78 26.92 1.15
CA ALA A 1 -14.41 25.68 0.64
C ALA A 1 -14.92 24.81 1.80
N THR A 2 -16.03 24.11 1.60
CA THR A 2 -16.69 23.24 2.60
C THR A 2 -17.33 22.02 1.92
N VAL A 3 -17.33 20.87 2.60
CA VAL A 3 -17.89 19.59 2.13
C VAL A 3 -18.62 18.85 3.27
N VAL A 4 -19.45 17.85 2.93
CA VAL A 4 -20.22 17.02 3.88
C VAL A 4 -20.45 15.62 3.33
N SER A 5 -20.53 14.61 4.21
CA SER A 5 -20.66 13.18 3.85
C SER A 5 -21.84 12.46 4.55
N GLY A 6 -22.73 13.21 5.22
CA GLY A 6 -23.91 12.70 5.94
C GLY A 6 -25.18 13.55 5.78
N GLN A 7 -25.26 14.35 4.70
CA GLN A 7 -26.38 15.26 4.41
C GLN A 7 -26.76 15.29 2.90
N LYS A 8 -26.12 14.43 2.07
CA LYS A 8 -26.32 14.35 0.60
C LYS A 8 -26.59 12.93 0.06
N GLN A 9 -26.81 11.95 0.95
CA GLN A 9 -27.11 10.54 0.64
C GLN A 9 -26.17 9.91 -0.41
N ASP A 10 -24.85 10.12 -0.26
CA ASP A 10 -23.81 9.64 -1.19
C ASP A 10 -22.54 9.17 -0.44
N ARG A 11 -21.81 8.22 -1.04
CA ARG A 11 -20.57 7.61 -0.52
C ARG A 11 -19.63 7.18 -1.66
N GLN A 12 -18.33 7.11 -1.36
CA GLN A 12 -17.28 6.56 -2.24
C GLN A 12 -16.59 5.38 -1.55
N GLY A 13 -15.97 4.49 -2.32
CA GLY A 13 -15.31 3.29 -1.81
C GLY A 13 -14.65 2.45 -2.91
N GLY A 14 -13.96 1.39 -2.49
CA GLY A 14 -13.22 0.46 -3.35
C GLY A 14 -12.06 -0.18 -2.60
N GLU A 15 -11.10 -0.75 -3.34
CA GLU A 15 -9.89 -1.37 -2.78
C GLU A 15 -8.67 -1.05 -3.67
N ARG A 16 -7.80 -0.17 -3.16
CA ARG A 16 -6.56 0.33 -3.78
C ARG A 16 -5.43 0.53 -2.75
N ARG A 17 -5.44 -0.27 -1.68
CA ARG A 17 -4.57 -0.13 -0.50
C ARG A 17 -4.18 -1.43 0.24
N ARG A 18 -4.71 -2.58 -0.18
CA ARG A 18 -4.53 -3.91 0.44
C ARG A 18 -4.31 -5.04 -0.59
N SER A 19 -4.42 -4.73 -1.88
CA SER A 19 -4.27 -5.62 -3.04
C SER A 19 -3.01 -6.49 -3.09
N GLN A 20 -1.94 -6.08 -2.39
CA GLN A 20 -0.66 -6.80 -2.30
C GLN A 20 -0.23 -7.03 -0.83
N LEU A 21 -1.22 -7.21 0.05
CA LEU A 21 -1.04 -7.46 1.48
C LEU A 21 -1.64 -8.82 1.85
N ASP A 22 -0.79 -9.72 2.34
CA ASP A 22 -1.12 -11.06 2.84
C ASP A 22 -0.33 -11.32 4.13
N ARG A 23 -0.71 -12.31 4.95
CA ARG A 23 -0.17 -12.60 6.29
C ARG A 23 1.31 -13.02 6.35
N ASP A 24 1.96 -13.10 5.20
CA ASP A 24 3.38 -13.40 5.01
C ASP A 24 4.15 -12.23 4.34
N GLN A 25 3.56 -11.04 4.27
CA GLN A 25 4.12 -9.86 3.56
C GLN A 25 4.05 -8.56 4.39
N CYS A 26 4.85 -7.55 4.01
CA CYS A 26 4.94 -6.27 4.71
C CYS A 26 3.84 -5.26 4.32
N ALA A 27 3.07 -4.74 5.30
CA ALA A 27 2.07 -3.70 5.02
C ALA A 27 2.68 -2.39 4.48
N TYR A 28 3.97 -2.12 4.72
CA TYR A 28 4.64 -0.91 4.26
C TYR A 28 5.22 -1.04 2.84
N CYS A 29 6.11 -2.02 2.60
CA CYS A 29 6.80 -2.18 1.32
C CYS A 29 6.27 -3.31 0.40
N LYS A 30 5.35 -4.15 0.89
CA LYS A 30 4.71 -5.26 0.17
C LYS A 30 5.65 -6.43 -0.17
N GLU A 31 6.91 -6.42 0.30
CA GLU A 31 7.85 -7.55 0.14
C GLU A 31 7.46 -8.72 1.06
N LYS A 32 7.90 -9.94 0.72
CA LYS A 32 7.55 -11.18 1.45
C LYS A 32 8.57 -11.59 2.53
N GLY A 33 8.15 -12.46 3.43
CA GLY A 33 8.97 -13.07 4.49
C GLY A 33 9.03 -12.29 5.83
N HIS A 34 8.35 -11.15 5.94
CA HIS A 34 8.33 -10.29 7.14
C HIS A 34 7.07 -9.42 7.20
N TRP A 35 6.91 -8.68 8.30
CA TRP A 35 5.83 -7.71 8.56
C TRP A 35 6.46 -6.31 8.73
N ALA A 36 5.67 -5.26 8.55
CA ALA A 36 6.14 -3.86 8.62
C ALA A 36 6.95 -3.51 9.88
N LYS A 37 6.60 -4.11 11.04
CA LYS A 37 7.29 -3.93 12.33
C LYS A 37 8.79 -4.28 12.30
N ASP A 38 9.21 -5.06 11.30
CA ASP A 38 10.58 -5.52 11.07
C ASP A 38 11.07 -5.23 9.64
N CYS A 39 10.42 -4.31 8.91
CA CYS A 39 10.78 -3.97 7.52
C CYS A 39 12.28 -3.64 7.34
N PRO A 40 13.00 -4.32 6.43
CA PRO A 40 14.45 -4.16 6.27
C PRO A 40 14.87 -2.84 5.63
N LYS A 41 13.95 -2.06 5.06
CA LYS A 41 14.27 -0.75 4.47
C LYS A 41 13.93 0.43 5.39
N LYS A 42 13.35 0.18 6.58
CA LYS A 42 13.05 1.25 7.56
C LYS A 42 14.34 1.78 8.22
N PRO A 43 14.34 3.04 8.72
CA PRO A 43 15.49 3.62 9.44
C PRO A 43 15.77 2.97 10.81
N ARG A 44 14.84 2.12 11.29
CA ARG A 44 14.90 1.37 12.56
C ARG A 44 14.53 -0.11 12.39
N GLY A 45 15.04 -0.73 11.33
CA GLY A 45 14.83 -2.15 10.98
C GLY A 45 16.03 -2.74 10.19
N PRO A 46 16.03 -4.06 9.94
CA PRO A 46 15.38 -5.09 10.78
C PRO A 46 15.99 -5.16 12.20
N ARG A 47 15.33 -5.87 13.12
CA ARG A 47 15.74 -6.02 14.54
C ARG A 47 16.77 -7.13 14.81
N GLY A 48 17.53 -7.49 13.77
CA GLY A 48 18.59 -8.50 13.79
C GLY A 48 18.07 -9.96 13.91
N PRO A 49 18.98 -10.96 13.88
CA PRO A 49 18.65 -12.39 13.95
C PRO A 49 18.44 -12.92 15.40
N ARG A 50 17.98 -12.04 16.28
CA ARG A 50 17.72 -12.28 17.73
C ARG A 50 16.55 -11.41 18.23
N PRO A 51 15.86 -11.80 19.33
CA PRO A 51 14.76 -11.02 19.90
C PRO A 51 15.20 -9.71 20.58
N GLN A 52 16.50 -9.55 20.84
CA GLN A 52 17.11 -8.37 21.46
C GLN A 52 18.55 -8.17 20.94
N THR A 53 18.99 -6.92 20.84
CA THR A 53 20.33 -6.50 20.36
C THR A 53 20.86 -5.32 21.19
N SER A 54 22.16 -5.02 21.07
CA SER A 54 22.86 -3.93 21.79
C SER A 54 23.95 -3.28 20.92
N LEU A 55 24.32 -2.03 21.25
CA LEU A 55 25.32 -1.23 20.53
C LEU A 55 26.42 -0.62 21.45
N LEU A 56 26.40 -0.94 22.74
CA LEU A 56 27.36 -0.45 23.74
C LEU A 56 28.79 -0.92 23.42
ZN ZN C . 9.16 -4.12 4.54
N ALA A 1 -14.76 -2.93 -27.46
CA ALA A 1 -13.49 -2.69 -26.72
C ALA A 1 -12.44 -3.75 -27.05
N THR A 2 -11.16 -3.42 -26.91
CA THR A 2 -10.00 -4.32 -27.18
C THR A 2 -8.88 -4.13 -26.16
N VAL A 3 -7.93 -5.07 -26.12
CA VAL A 3 -6.75 -5.07 -25.23
C VAL A 3 -5.49 -5.57 -25.96
N VAL A 4 -4.33 -5.07 -25.54
CA VAL A 4 -3.00 -5.38 -26.11
C VAL A 4 -1.96 -5.54 -24.98
N SER A 5 -2.39 -6.03 -23.81
CA SER A 5 -1.59 -6.23 -22.59
C SER A 5 -0.85 -4.97 -22.09
N GLY A 6 -1.36 -3.77 -22.41
CA GLY A 6 -0.77 -2.48 -22.03
C GLY A 6 -1.69 -1.26 -22.19
N GLN A 7 -3.01 -1.45 -22.03
CA GLN A 7 -4.02 -0.38 -22.11
C GLN A 7 -5.23 -0.66 -21.20
N LYS A 8 -6.03 0.38 -20.92
CA LYS A 8 -7.23 0.35 -20.05
C LYS A 8 -8.30 1.35 -20.48
N GLN A 9 -9.46 1.32 -19.82
CA GLN A 9 -10.62 2.19 -20.10
C GLN A 9 -11.14 2.95 -18.85
N ASP A 10 -10.46 2.82 -17.70
CA ASP A 10 -10.82 3.50 -16.44
C ASP A 10 -10.94 5.04 -16.56
N ARG A 11 -10.22 5.64 -17.52
CA ARG A 11 -10.28 7.08 -17.87
C ARG A 11 -11.66 7.51 -18.41
N GLN A 12 -12.47 6.55 -18.86
CA GLN A 12 -13.80 6.75 -19.46
C GLN A 12 -14.93 6.10 -18.63
N GLY A 13 -14.71 4.93 -18.01
CA GLY A 13 -15.73 4.25 -17.19
C GLY A 13 -15.35 2.87 -16.66
N GLY A 14 -16.30 2.25 -15.93
CA GLY A 14 -16.17 0.92 -15.33
C GLY A 14 -17.43 0.49 -14.55
N GLU A 15 -17.48 -0.77 -14.10
CA GLU A 15 -18.63 -1.36 -13.37
C GLU A 15 -18.21 -2.34 -12.24
N ARG A 16 -16.92 -2.38 -11.90
CA ARG A 16 -16.33 -3.26 -10.86
C ARG A 16 -15.14 -2.59 -10.17
N ARG A 17 -14.53 -3.30 -9.21
CA ARG A 17 -13.37 -2.89 -8.40
C ARG A 17 -12.27 -3.95 -8.40
N ARG A 18 -11.05 -3.56 -8.01
CA ARG A 18 -9.82 -4.41 -7.93
C ARG A 18 -9.42 -5.09 -9.26
N SER A 19 -9.85 -4.53 -10.40
CA SER A 19 -9.62 -5.02 -11.77
C SER A 19 -8.16 -5.41 -12.10
N GLN A 20 -7.19 -4.79 -11.44
CA GLN A 20 -5.74 -5.05 -11.60
C GLN A 20 -5.04 -5.17 -10.23
N LEU A 21 -5.74 -5.75 -9.24
CA LEU A 21 -5.26 -5.92 -7.87
C LEU A 21 -5.69 -7.28 -7.26
N ASP A 22 -4.82 -8.28 -7.39
CA ASP A 22 -4.98 -9.62 -6.80
C ASP A 22 -4.17 -9.74 -5.49
N ARG A 23 -4.37 -10.82 -4.71
CA ARG A 23 -3.73 -11.05 -3.39
C ARG A 23 -2.20 -11.15 -3.38
N ASP A 24 -1.59 -11.20 -4.56
CA ASP A 24 -0.13 -11.21 -4.76
C ASP A 24 0.46 -9.86 -5.23
N GLN A 25 -0.37 -8.81 -5.34
CA GLN A 25 0.02 -7.47 -5.80
C GLN A 25 -0.04 -6.36 -4.74
N CYS A 26 0.45 -5.18 -5.09
CA CYS A 26 0.43 -3.95 -4.29
C CYS A 26 -0.72 -3.03 -4.72
N ALA A 27 -1.61 -2.66 -3.80
CA ALA A 27 -2.70 -1.74 -4.09
C ALA A 27 -2.22 -0.32 -4.46
N TYR A 28 -0.99 0.07 -4.11
CA TYR A 28 -0.47 1.41 -4.38
C TYR A 28 0.23 1.57 -5.74
N CYS A 29 1.04 0.60 -6.18
CA CYS A 29 1.79 0.68 -7.44
C CYS A 29 1.48 -0.45 -8.46
N LYS A 30 0.66 -1.44 -8.08
CA LYS A 30 0.21 -2.59 -8.88
C LYS A 30 1.31 -3.62 -9.23
N GLU A 31 2.54 -3.46 -8.72
CA GLU A 31 3.60 -4.48 -8.84
C GLU A 31 3.23 -5.74 -8.03
N LYS A 32 4.02 -6.82 -8.16
CA LYS A 32 3.80 -8.11 -7.47
C LYS A 32 4.93 -8.53 -6.53
N GLY A 33 4.61 -9.42 -5.60
CA GLY A 33 5.53 -9.96 -4.59
C GLY A 33 5.47 -9.26 -3.22
N HIS A 34 4.69 -8.19 -3.10
CA HIS A 34 4.47 -7.39 -1.88
C HIS A 34 3.09 -6.71 -1.90
N TRP A 35 2.69 -6.13 -0.76
CA TRP A 35 1.44 -5.36 -0.59
C TRP A 35 1.78 -3.88 -0.36
N ALA A 36 0.80 -2.99 -0.52
CA ALA A 36 0.98 -1.53 -0.35
C ALA A 36 1.63 -1.15 0.99
N LYS A 37 1.28 -1.86 2.07
CA LYS A 37 1.80 -1.68 3.44
C LYS A 37 3.33 -1.81 3.53
N ASP A 38 3.95 -2.43 2.52
CA ASP A 38 5.39 -2.68 2.39
C ASP A 38 5.96 -2.23 1.03
N CYS A 39 5.24 -1.38 0.27
CA CYS A 39 5.67 -0.92 -1.07
C CYS A 39 7.11 -0.34 -1.08
N PRO A 40 8.03 -0.84 -1.94
CA PRO A 40 9.42 -0.38 -1.98
C PRO A 40 9.58 1.04 -2.55
N LYS A 41 8.54 1.58 -3.19
CA LYS A 41 8.51 2.94 -3.75
C LYS A 41 8.20 3.99 -2.67
N LYS A 42 7.62 3.60 -1.53
CA LYS A 42 7.29 4.53 -0.42
C LYS A 42 8.54 5.03 0.31
N PRO A 43 8.48 6.21 0.96
CA PRO A 43 9.59 6.78 1.75
C PRO A 43 9.89 6.05 3.08
N ARG A 44 9.19 4.94 3.37
CA ARG A 44 9.29 4.12 4.59
C ARG A 44 9.50 2.61 4.33
N GLY A 45 10.17 2.31 3.23
CA GLY A 45 10.50 0.94 2.79
C GLY A 45 11.51 0.89 1.63
N PRO A 46 11.98 -0.31 1.24
CA PRO A 46 12.12 -1.48 2.12
C PRO A 46 13.06 -1.22 3.32
N ARG A 47 13.09 -2.15 4.29
CA ARG A 47 13.88 -2.06 5.54
C ARG A 47 13.52 -0.81 6.38
N GLY A 48 14.35 -0.48 7.37
CA GLY A 48 14.15 0.68 8.27
C GLY A 48 15.46 1.20 8.91
N PRO A 49 15.41 2.37 9.58
CA PRO A 49 16.56 3.02 10.21
C PRO A 49 16.97 2.40 11.57
N ARG A 50 17.10 1.06 11.62
CA ARG A 50 17.47 0.29 12.82
C ARG A 50 18.47 -0.84 12.50
N PRO A 51 19.34 -1.24 13.45
CA PRO A 51 20.32 -2.31 13.26
C PRO A 51 19.67 -3.71 13.18
N GLN A 52 20.47 -4.72 12.82
CA GLN A 52 20.07 -6.12 12.69
C GLN A 52 21.21 -7.07 13.12
N THR A 53 20.87 -8.27 13.57
CA THR A 53 21.82 -9.32 14.04
C THR A 53 22.72 -9.91 12.94
N SER A 54 22.42 -9.64 11.67
CA SER A 54 23.18 -10.09 10.49
C SER A 54 23.05 -9.07 9.33
N LEU A 55 23.91 -9.18 8.32
CA LEU A 55 23.95 -8.30 7.14
C LEU A 55 24.43 -9.03 5.87
N LEU A 56 24.41 -8.34 4.73
CA LEU A 56 24.81 -8.83 3.40
C LEU A 56 25.66 -7.79 2.65
ZN ZN C . 4.36 -1.15 -4.28
N ALA A 1 -31.28 -4.15 0.49
CA ALA A 1 -30.21 -5.00 -0.07
C ALA A 1 -28.88 -4.81 0.68
N THR A 2 -28.01 -5.82 0.67
CA THR A 2 -26.71 -5.84 1.38
C THR A 2 -25.50 -6.17 0.47
N VAL A 3 -25.73 -6.48 -0.81
CA VAL A 3 -24.69 -6.80 -1.82
C VAL A 3 -25.06 -6.21 -3.18
N VAL A 4 -24.11 -6.19 -4.12
CA VAL A 4 -24.28 -5.64 -5.49
C VAL A 4 -24.01 -6.71 -6.58
N SER A 5 -24.30 -7.97 -6.25
CA SER A 5 -24.13 -9.15 -7.12
C SER A 5 -24.99 -9.11 -8.39
N GLY A 6 -24.56 -9.79 -9.45
CA GLY A 6 -25.31 -9.88 -10.73
C GLY A 6 -24.52 -10.36 -11.95
N GLN A 7 -23.18 -10.33 -11.92
CA GLN A 7 -22.29 -10.74 -13.02
C GLN A 7 -21.08 -11.55 -12.50
N LYS A 8 -20.27 -12.10 -13.43
CA LYS A 8 -19.05 -12.89 -13.17
C LYS A 8 -17.92 -12.52 -14.13
N GLN A 9 -16.70 -12.94 -13.81
CA GLN A 9 -15.47 -12.69 -14.58
C GLN A 9 -14.61 -13.97 -14.75
N ASP A 10 -13.52 -13.86 -15.52
CA ASP A 10 -12.57 -14.95 -15.81
C ASP A 10 -11.13 -14.41 -15.97
N ARG A 11 -10.14 -15.32 -15.93
CA ARG A 11 -8.69 -15.01 -16.04
C ARG A 11 -7.89 -16.16 -16.67
N GLN A 12 -6.73 -15.84 -17.24
CA GLN A 12 -5.81 -16.79 -17.90
C GLN A 12 -4.31 -16.57 -17.52
N GLY A 13 -4.01 -15.64 -16.60
CA GLY A 13 -2.64 -15.33 -16.18
C GLY A 13 -2.55 -14.18 -15.16
N GLY A 14 -1.34 -13.66 -14.96
CA GLY A 14 -1.03 -12.56 -14.04
C GLY A 14 0.32 -11.88 -14.36
N GLU A 15 0.73 -10.92 -13.52
CA GLU A 15 1.96 -10.11 -13.68
C GLU A 15 2.90 -10.16 -12.45
N ARG A 16 2.58 -10.98 -11.44
CA ARG A 16 3.37 -11.16 -10.22
C ARG A 16 3.18 -12.58 -9.63
N ARG A 17 4.14 -13.01 -8.80
CA ARG A 17 4.18 -14.31 -8.09
C ARG A 17 4.67 -14.12 -6.64
N ARG A 18 4.63 -15.18 -5.83
CA ARG A 18 5.08 -15.22 -4.41
C ARG A 18 6.62 -15.28 -4.28
N SER A 19 7.34 -14.60 -5.17
CA SER A 19 8.80 -14.53 -5.27
C SER A 19 9.48 -14.30 -3.91
N GLN A 20 10.13 -15.34 -3.39
CA GLN A 20 10.82 -15.38 -2.09
C GLN A 20 9.97 -14.89 -0.89
N LEU A 21 8.65 -15.14 -0.94
CA LEU A 21 7.72 -14.79 0.14
C LEU A 21 8.05 -15.63 1.40
N ASP A 22 8.55 -14.97 2.43
CA ASP A 22 8.94 -15.53 3.73
C ASP A 22 8.49 -14.56 4.84
N ARG A 23 8.21 -15.02 6.05
CA ARG A 23 7.67 -14.22 7.18
C ARG A 23 8.62 -13.16 7.76
N ASP A 24 9.80 -13.02 7.18
CA ASP A 24 10.80 -11.99 7.49
C ASP A 24 11.02 -11.00 6.31
N GLN A 25 10.18 -11.05 5.27
CA GLN A 25 10.30 -10.22 4.06
C GLN A 25 8.99 -9.48 3.68
N CYS A 26 9.11 -8.47 2.81
CA CYS A 26 8.02 -7.61 2.35
C CYS A 26 7.32 -8.09 1.07
N ALA A 27 6.00 -8.30 1.12
CA ALA A 27 5.22 -8.67 -0.06
C ALA A 27 5.18 -7.58 -1.16
N TYR A 28 5.48 -6.31 -0.84
CA TYR A 28 5.41 -5.20 -1.80
C TYR A 28 6.72 -4.89 -2.53
N CYS A 29 7.87 -4.92 -1.84
CA CYS A 29 9.18 -4.59 -2.42
C CYS A 29 10.23 -5.72 -2.31
N LYS A 30 9.90 -6.83 -1.63
CA LYS A 30 10.75 -8.02 -1.44
C LYS A 30 12.01 -7.79 -0.58
N GLU A 31 12.10 -6.65 0.13
CA GLU A 31 13.17 -6.41 1.12
C GLU A 31 12.97 -7.30 2.37
N LYS A 32 13.93 -7.27 3.30
CA LYS A 32 13.92 -8.04 4.56
C LYS A 32 13.86 -7.14 5.80
N GLY A 33 13.35 -7.71 6.91
CA GLY A 33 13.22 -7.05 8.22
C GLY A 33 11.87 -6.39 8.49
N HIS A 34 10.94 -6.38 7.52
CA HIS A 34 9.60 -5.80 7.61
C HIS A 34 8.61 -6.49 6.64
N TRP A 35 7.34 -6.10 6.72
CA TRP A 35 6.23 -6.58 5.87
C TRP A 35 5.65 -5.40 5.06
N ALA A 36 4.87 -5.67 4.01
CA ALA A 36 4.22 -4.64 3.17
C ALA A 36 3.44 -3.61 4.01
N LYS A 37 2.75 -4.09 5.05
CA LYS A 37 1.97 -3.31 6.04
C LYS A 37 2.76 -2.19 6.73
N ASP A 38 4.10 -2.26 6.68
CA ASP A 38 5.05 -1.32 7.27
C ASP A 38 6.19 -0.91 6.30
N CYS A 39 6.04 -1.17 4.99
CA CYS A 39 7.04 -0.89 3.95
C CYS A 39 7.55 0.57 3.94
N PRO A 40 8.87 0.83 4.09
CA PRO A 40 9.42 2.19 4.12
C PRO A 40 9.38 2.88 2.75
N LYS A 41 9.15 2.11 1.68
CA LYS A 41 9.04 2.62 0.29
C LYS A 41 7.64 3.14 -0.04
N LYS A 42 6.62 2.89 0.81
CA LYS A 42 5.25 3.37 0.56
C LYS A 42 5.15 4.91 0.53
N PRO A 43 4.24 5.49 -0.28
CA PRO A 43 4.03 6.94 -0.40
C PRO A 43 3.88 7.69 0.94
N ARG A 44 4.34 8.95 0.96
CA ARG A 44 4.29 9.88 2.11
C ARG A 44 4.16 11.33 1.62
N GLY A 45 3.54 12.19 2.42
CA GLY A 45 3.36 13.62 2.10
C GLY A 45 4.62 14.47 2.38
N PRO A 46 4.64 15.74 1.90
CA PRO A 46 3.45 16.57 1.64
C PRO A 46 2.83 16.33 0.26
N ARG A 47 1.61 16.83 0.04
CA ARG A 47 0.83 16.72 -1.21
C ARG A 47 0.13 18.05 -1.54
N GLY A 48 -0.36 18.16 -2.78
CA GLY A 48 -1.07 19.33 -3.31
C GLY A 48 -1.58 19.12 -4.75
N PRO A 49 -2.34 20.11 -5.30
CA PRO A 49 -2.91 20.07 -6.65
C PRO A 49 -1.85 20.28 -7.75
N ARG A 50 -0.93 19.32 -7.91
CA ARG A 50 0.18 19.32 -8.88
C ARG A 50 0.33 17.97 -9.59
N PRO A 51 0.77 17.94 -10.86
CA PRO A 51 0.94 16.71 -11.62
C PRO A 51 2.10 15.84 -11.11
N GLN A 52 1.94 14.53 -11.31
CA GLN A 52 2.92 13.49 -10.92
C GLN A 52 3.23 12.52 -12.09
N THR A 53 2.33 12.45 -13.09
CA THR A 53 2.42 11.67 -14.32
C THR A 53 1.42 12.25 -15.35
N SER A 54 1.56 11.93 -16.64
CA SER A 54 0.69 12.41 -17.73
C SER A 54 0.64 11.43 -18.91
N LEU A 55 -0.40 11.52 -19.75
CA LEU A 55 -0.58 10.73 -20.98
C LEU A 55 -1.22 11.54 -22.11
N LEU A 56 -1.30 10.96 -23.31
CA LEU A 56 -1.87 11.57 -24.52
C LEU A 56 -2.54 10.49 -25.41
ZN ZN C . 8.86 -2.87 1.69
N ALA A 1 -5.34 30.56 10.45
CA ALA A 1 -5.05 29.70 11.62
C ALA A 1 -6.34 29.21 12.29
N THR A 2 -6.27 28.06 12.98
CA THR A 2 -7.40 27.41 13.69
C THR A 2 -6.96 26.81 15.03
N VAL A 3 -7.92 26.51 15.92
CA VAL A 3 -7.67 25.95 17.28
C VAL A 3 -8.68 24.86 17.69
N VAL A 4 -9.65 24.53 16.82
CA VAL A 4 -10.68 23.48 17.06
C VAL A 4 -10.06 22.08 17.22
N SER A 5 -10.68 21.25 18.07
CA SER A 5 -10.25 19.87 18.37
C SER A 5 -11.43 18.99 18.83
N GLY A 6 -11.21 17.66 18.88
CA GLY A 6 -12.24 16.68 19.30
C GLY A 6 -11.73 15.29 19.68
N GLN A 7 -10.40 15.09 19.79
CA GLN A 7 -9.73 13.83 20.16
C GLN A 7 -10.10 12.59 19.29
N LYS A 8 -10.67 12.80 18.10
CA LYS A 8 -11.11 11.76 17.15
C LYS A 8 -11.12 12.29 15.71
N GLN A 9 -10.98 11.40 14.74
CA GLN A 9 -11.02 11.66 13.29
C GLN A 9 -11.77 10.53 12.56
N ASP A 10 -12.29 10.81 11.36
CA ASP A 10 -13.10 9.86 10.57
C ASP A 10 -12.82 9.88 9.05
N ARG A 11 -12.23 10.97 8.53
CA ARG A 11 -11.86 11.19 7.10
C ARG A 11 -12.97 10.84 6.07
N GLN A 12 -14.23 11.04 6.47
CA GLN A 12 -15.45 10.77 5.68
C GLN A 12 -15.52 9.34 5.08
N GLY A 13 -15.24 9.17 3.78
CA GLY A 13 -15.31 7.88 3.08
C GLY A 13 -15.48 8.01 1.57
N GLY A 14 -16.23 7.10 0.96
CA GLY A 14 -16.53 7.05 -0.48
C GLY A 14 -17.40 5.84 -0.84
N GLU A 15 -17.55 5.55 -2.13
CA GLU A 15 -18.30 4.36 -2.59
C GLU A 15 -17.53 3.06 -2.24
N ARG A 16 -16.20 3.09 -2.44
CA ARG A 16 -15.21 2.06 -2.10
C ARG A 16 -13.80 2.68 -2.24
N ARG A 17 -12.85 2.31 -1.37
CA ARG A 17 -11.45 2.80 -1.36
C ARG A 17 -10.44 1.69 -1.71
N ARG A 18 -9.14 1.97 -1.56
CA ARG A 18 -7.99 1.08 -1.89
C ARG A 18 -7.82 0.81 -3.40
N SER A 19 -8.34 1.69 -4.25
CA SER A 19 -8.30 1.65 -5.73
C SER A 19 -6.89 1.37 -6.30
N GLN A 20 -5.86 1.80 -5.58
CA GLN A 20 -4.43 1.63 -5.91
C GLN A 20 -3.67 0.90 -4.79
N LEU A 21 -4.28 -0.18 -4.26
CA LEU A 21 -3.70 -1.08 -3.26
C LEU A 21 -4.07 -2.55 -3.60
N ASP A 22 -3.32 -3.50 -3.04
CA ASP A 22 -3.53 -4.96 -3.16
C ASP A 22 -2.92 -5.65 -1.93
N ARG A 23 -3.39 -6.85 -1.56
CA ARG A 23 -2.93 -7.62 -0.38
C ARG A 23 -1.45 -8.04 -0.39
N ASP A 24 -0.75 -7.78 -1.50
CA ASP A 24 0.67 -8.05 -1.71
C ASP A 24 1.49 -6.77 -1.96
N GLN A 25 0.93 -5.57 -1.69
CA GLN A 25 1.60 -4.27 -1.89
C GLN A 25 1.72 -3.44 -0.60
N CYS A 26 2.58 -2.42 -0.61
CA CYS A 26 2.82 -1.51 0.51
C CYS A 26 1.86 -0.30 0.53
N ALA A 27 1.14 -0.09 1.65
CA ALA A 27 0.27 1.08 1.80
C ALA A 27 1.02 2.44 1.92
N TYR A 28 2.36 2.43 2.03
CA TYR A 28 3.19 3.63 2.18
C TYR A 28 3.97 4.03 0.91
N CYS A 29 4.45 3.07 0.11
CA CYS A 29 5.21 3.33 -1.12
C CYS A 29 4.69 2.60 -2.39
N LYS A 30 3.70 1.70 -2.24
CA LYS A 30 3.05 0.92 -3.31
C LYS A 30 3.93 -0.12 -4.03
N GLU A 31 5.12 -0.42 -3.52
CA GLU A 31 5.95 -1.54 -4.02
C GLU A 31 5.20 -2.87 -3.79
N LYS A 32 5.55 -3.92 -4.54
CA LYS A 32 4.99 -5.28 -4.37
C LYS A 32 5.98 -6.24 -3.68
N GLY A 33 5.46 -7.13 -2.84
CA GLY A 33 6.23 -8.14 -2.10
C GLY A 33 6.36 -7.88 -0.58
N HIS A 34 5.91 -6.72 -0.09
CA HIS A 34 5.93 -6.33 1.33
C HIS A 34 4.77 -5.38 1.69
N TRP A 35 4.61 -5.09 2.98
CA TRP A 35 3.59 -4.18 3.54
C TRP A 35 4.28 -2.97 4.20
N ALA A 36 3.53 -1.87 4.45
CA ALA A 36 4.06 -0.64 5.05
C ALA A 36 4.88 -0.88 6.33
N LYS A 37 4.43 -1.78 7.20
CA LYS A 37 5.08 -2.14 8.48
C LYS A 37 6.46 -2.84 8.32
N ASP A 38 6.86 -3.10 7.08
CA ASP A 38 8.12 -3.71 6.66
C ASP A 38 8.78 -2.93 5.49
N CYS A 39 8.28 -1.73 5.16
CA CYS A 39 8.76 -0.90 4.05
C CYS A 39 10.29 -0.61 4.05
N PRO A 40 11.07 -1.08 3.05
CA PRO A 40 12.51 -0.83 2.96
C PRO A 40 12.90 0.65 2.86
N LYS A 41 11.98 1.53 2.43
CA LYS A 41 12.23 2.97 2.28
C LYS A 41 12.27 3.70 3.63
N LYS A 42 11.68 3.14 4.69
CA LYS A 42 11.65 3.76 6.03
C LYS A 42 13.03 3.82 6.71
N PRO A 43 13.39 4.92 7.39
CA PRO A 43 14.67 5.06 8.10
C PRO A 43 14.72 4.31 9.45
N ARG A 44 13.57 3.83 9.95
CA ARG A 44 13.39 3.11 11.23
C ARG A 44 12.28 2.04 11.14
N GLY A 45 12.08 1.29 12.22
CA GLY A 45 11.06 0.23 12.30
C GLY A 45 11.06 -0.62 13.59
N PRO A 46 12.22 -0.91 14.23
CA PRO A 46 13.55 -1.02 13.63
C PRO A 46 13.59 -1.89 12.35
N ARG A 47 14.67 -1.73 11.58
CA ARG A 47 14.92 -2.43 10.30
C ARG A 47 16.42 -2.78 10.15
N GLY A 48 16.71 -3.91 9.54
CA GLY A 48 18.08 -4.43 9.33
C GLY A 48 18.12 -5.88 8.82
N PRO A 49 17.53 -6.86 9.54
CA PRO A 49 17.48 -8.26 9.08
C PRO A 49 16.53 -8.42 7.88
N ARG A 50 16.74 -9.50 7.11
CA ARG A 50 16.00 -9.85 5.88
C ARG A 50 15.99 -11.38 5.64
N PRO A 51 15.01 -11.92 4.89
CA PRO A 51 14.92 -13.37 4.63
C PRO A 51 15.99 -13.93 3.68
N GLN A 52 16.80 -13.09 3.02
CA GLN A 52 17.85 -13.52 2.10
C GLN A 52 19.09 -12.60 2.18
N THR A 53 20.26 -13.22 2.41
CA THR A 53 21.59 -12.56 2.50
C THR A 53 22.68 -13.37 1.76
N SER A 54 22.46 -14.67 1.53
CA SER A 54 23.35 -15.60 0.82
C SER A 54 22.58 -16.47 -0.18
N LEU A 55 23.28 -17.31 -0.96
CA LEU A 55 22.70 -18.19 -1.98
C LEU A 55 23.52 -19.49 -2.16
N LEU A 56 23.02 -20.40 -3.01
CA LEU A 56 23.64 -21.70 -3.32
C LEU A 56 23.43 -22.11 -4.79
ZN ZN C . 7.29 0.24 1.20
#